data_5Y7C
#
_entry.id   5Y7C
#
_cell.length_a   46.465
_cell.length_b   54.724
_cell.length_c   77.991
_cell.angle_alpha   105.23
_cell.angle_beta   106.60
_cell.angle_gamma   98.51
#
_symmetry.space_group_name_H-M   'P 1'
#
loop_
_entity.id
_entity.type
_entity.pdbx_description
1 polymer AmbP3
2 non-polymer 'DIMETHYLALLYL S-THIOLODIPHOSPHATE'
3 non-polymer 'Hapalindole A'
4 water water
#
_entity_poly.entity_id   1
_entity_poly.type   'polypeptide(L)'
_entity_poly.pdbx_seq_one_letter_code
;MTIVNRIRTDVVNVAKSFGAEYSEAVIDQIFQGFGEKFTNTGFAIRVQNKRNQKVDCNIRYGEAKENCLAWDIARESGLL
SDQGHPVDTLIQEMFQAIPAIAYGADFDINYGLVKIWHLPKIVPVEEAFKIPSLPKSVNAHIDFFKKYHLDALCALTVDY
RNKSTNLYFDAHHPEQRTTQFYKNILQSQQFEVPSDEVLEILVNCPEIAVTFNWSSPGIERMCFYTAFVNRETVPQHINP
VLKKFAQEAPALLDNPGFLVGWSFGPDAKKGTYIKIDVDYHGLVVPSFFHMHNLPLPIPEANSVFDLPSSDTEDKLNSIV
MSKLAAALEHHHHHH
;
_entity_poly.pdbx_strand_id   A,B
#
# COMPACT_ATOMS: atom_id res chain seq x y z
N THR A 2 16.92 -31.17 18.38
CA THR A 2 17.27 -29.82 18.80
C THR A 2 16.03 -29.01 19.09
N ILE A 3 16.19 -27.96 19.91
CA ILE A 3 15.06 -27.08 20.18
C ILE A 3 14.59 -26.41 18.90
N VAL A 4 15.51 -25.93 18.07
CA VAL A 4 15.11 -25.15 16.89
C VAL A 4 14.31 -26.00 15.92
N ASN A 5 14.62 -27.29 15.84
CA ASN A 5 13.86 -28.17 14.95
C ASN A 5 12.47 -28.47 15.52
N ARG A 6 12.38 -28.63 16.84
CA ARG A 6 11.07 -28.82 17.47
C ARG A 6 10.21 -27.56 17.31
N ILE A 7 10.81 -26.37 17.45
CA ILE A 7 10.10 -25.12 17.20
C ILE A 7 9.59 -25.04 15.77
N ARG A 8 10.49 -25.28 14.79
CA ARG A 8 10.05 -25.21 13.40
C ARG A 8 8.91 -26.20 13.12
N THR A 9 9.04 -27.42 13.64
CA THR A 9 7.99 -28.43 13.50
C THR A 9 6.68 -27.95 14.11
N ASP A 10 6.72 -27.45 15.35
CA ASP A 10 5.53 -26.94 16.02
C ASP A 10 4.88 -25.80 15.23
N VAL A 11 5.69 -24.88 14.72
CA VAL A 11 5.15 -23.75 13.96
C VAL A 11 4.40 -24.26 12.74
N VAL A 12 5.04 -25.13 11.96
CA VAL A 12 4.36 -25.70 10.79
C VAL A 12 3.08 -26.41 11.21
N ASN A 13 3.10 -27.13 12.33
CA ASN A 13 1.91 -27.88 12.75
C ASN A 13 0.78 -26.96 13.18
N VAL A 14 1.10 -25.83 13.82
CA VAL A 14 0.07 -24.85 14.15
C VAL A 14 -0.54 -24.29 12.87
N ALA A 15 0.31 -23.91 11.92
CA ALA A 15 -0.17 -23.39 10.65
C ALA A 15 -1.10 -24.38 9.94
N LYS A 16 -0.72 -25.66 9.88
CA LYS A 16 -1.60 -26.63 9.22
C LYS A 16 -2.90 -26.80 10.01
N SER A 17 -2.82 -26.84 11.34
CA SER A 17 -4.02 -27.11 12.13
C SER A 17 -5.06 -26.00 12.00
N PHE A 18 -4.61 -24.76 11.97
CA PHE A 18 -5.54 -23.63 11.82
C PHE A 18 -5.77 -23.23 10.37
N GLY A 19 -5.25 -24.00 9.42
CA GLY A 19 -5.42 -23.65 8.02
C GLY A 19 -4.79 -22.32 7.62
N ALA A 20 -3.80 -21.85 8.35
CA ALA A 20 -3.14 -20.58 8.01
C ALA A 20 -2.32 -20.71 6.74
N GLU A 21 -2.39 -19.68 5.90
CA GLU A 21 -1.47 -19.58 4.78
C GLU A 21 -0.05 -19.44 5.29
N TYR A 22 0.87 -20.19 4.66
CA TYR A 22 2.27 -20.06 5.03
C TYR A 22 3.12 -20.45 3.84
N SER A 23 4.39 -20.05 3.90
CA SER A 23 5.34 -20.32 2.84
C SER A 23 6.55 -21.02 3.42
N GLU A 24 6.86 -22.21 2.87
CA GLU A 24 8.03 -22.94 3.35
C GLU A 24 9.30 -22.14 3.08
N ALA A 25 9.34 -21.40 1.97
CA ALA A 25 10.53 -20.61 1.68
C ALA A 25 10.68 -19.47 2.68
N VAL A 26 9.57 -18.81 3.00
CA VAL A 26 9.62 -17.75 4.03
C VAL A 26 10.10 -18.32 5.35
N ILE A 27 9.53 -19.44 5.77
CA ILE A 27 9.93 -20.03 7.05
C ILE A 27 11.42 -20.36 7.03
N ASP A 28 11.92 -20.93 5.92
CA ASP A 28 13.35 -21.20 5.81
C ASP A 28 14.18 -19.93 5.97
N GLN A 29 13.73 -18.81 5.37
CA GLN A 29 14.44 -17.54 5.51
C GLN A 29 14.45 -17.07 6.98
N ILE A 30 13.26 -17.06 7.60
CA ILE A 30 13.12 -16.63 8.97
C ILE A 30 14.04 -17.45 9.88
N PHE A 31 14.02 -18.77 9.74
CA PHE A 31 14.80 -19.58 10.68
C PHE A 31 16.29 -19.47 10.38
N GLN A 32 16.67 -19.31 9.12
CA GLN A 32 18.06 -19.03 8.80
C GLN A 32 18.57 -17.82 9.58
N GLY A 33 17.78 -16.74 9.58
CA GLY A 33 18.21 -15.56 10.29
C GLY A 33 18.07 -15.63 11.81
N PHE A 34 17.00 -16.27 12.32
CA PHE A 34 16.54 -16.06 13.68
C PHE A 34 16.25 -17.31 14.48
N GLY A 35 16.39 -18.52 13.91
CA GLY A 35 15.99 -19.73 14.65
C GLY A 35 16.75 -19.91 15.94
N GLU A 36 18.07 -19.65 15.91
CA GLU A 36 18.87 -19.69 17.12
C GLU A 36 18.31 -18.75 18.18
N LYS A 37 17.93 -17.53 17.76
CA LYS A 37 17.29 -16.60 18.68
C LYS A 37 15.98 -17.16 19.23
N PHE A 38 15.22 -17.91 18.41
CA PHE A 38 13.98 -18.46 18.92
C PHE A 38 14.21 -19.50 20.01
N THR A 39 15.39 -20.13 20.03
CA THR A 39 15.59 -21.23 20.97
C THR A 39 15.74 -20.77 22.43
N ASN A 40 16.15 -19.54 22.68
CA ASN A 40 16.56 -19.24 24.05
C ASN A 40 16.22 -17.80 24.45
N THR A 41 15.18 -17.22 23.86
CA THR A 41 14.69 -15.90 24.25
C THR A 41 13.19 -15.97 24.48
N GLY A 42 12.53 -14.82 24.68
CA GLY A 42 11.10 -14.83 24.80
C GLY A 42 10.49 -15.15 23.44
N PHE A 43 9.97 -16.35 23.24
CA PHE A 43 9.43 -16.73 21.93
C PHE A 43 7.95 -17.07 22.09
N ALA A 44 7.14 -16.63 21.12
CA ALA A 44 5.72 -16.94 21.12
C ALA A 44 5.25 -17.30 19.72
N ILE A 45 4.24 -18.16 19.66
CA ILE A 45 3.46 -18.42 18.46
C ILE A 45 2.10 -17.78 18.64
N ARG A 46 1.68 -17.01 17.65
CA ARG A 46 0.43 -16.28 17.70
C ARG A 46 -0.48 -16.71 16.56
N VAL A 47 -1.77 -16.80 16.85
CA VAL A 47 -2.79 -16.84 15.80
C VAL A 47 -3.78 -15.70 16.04
N GLN A 48 -4.36 -15.22 14.94
CA GLN A 48 -5.37 -14.18 14.98
C GLN A 48 -6.41 -14.42 13.88
N ASN A 49 -7.60 -13.86 14.11
CA ASN A 49 -8.69 -13.96 13.13
C ASN A 49 -9.00 -12.58 12.52
N LYS A 50 -7.97 -11.86 12.11
CA LYS A 50 -8.16 -10.53 11.53
C LYS A 50 -9.01 -10.60 10.27
N ARG A 51 -8.61 -11.41 9.31
CA ARG A 51 -9.33 -11.52 8.06
C ARG A 51 -10.50 -12.49 8.19
N ASN A 52 -11.51 -12.29 7.34
CA ASN A 52 -12.75 -13.07 7.43
C ASN A 52 -12.51 -14.53 7.07
N GLN A 53 -13.04 -15.43 7.90
CA GLN A 53 -12.95 -16.89 7.71
C GLN A 53 -11.52 -17.33 7.38
N LYS A 54 -10.54 -16.69 8.02
CA LYS A 54 -9.13 -16.99 7.78
C LYS A 54 -8.35 -16.72 9.05
N VAL A 55 -7.48 -17.64 9.44
CA VAL A 55 -6.62 -17.46 10.60
C VAL A 55 -5.20 -17.23 10.11
N ASP A 56 -4.53 -16.23 10.67
CA ASP A 56 -3.14 -15.96 10.36
C ASP A 56 -2.24 -16.35 11.53
N CYS A 57 -1.02 -16.79 11.19
CA CYS A 57 -0.05 -17.26 12.16
C CYS A 57 1.19 -16.38 12.09
N ASN A 58 1.58 -15.82 13.25
CA ASN A 58 2.81 -15.07 13.42
C ASN A 58 3.70 -15.78 14.44
N ILE A 59 5.01 -15.63 14.29
CA ILE A 59 5.92 -16.04 15.35
C ILE A 59 6.77 -14.84 15.72
N ARG A 60 7.18 -14.77 16.99
CA ARG A 60 7.80 -13.54 17.45
C ARG A 60 8.72 -13.83 18.63
N TYR A 61 9.73 -12.98 18.81
CA TYR A 61 10.62 -13.14 19.94
C TYR A 61 11.01 -11.76 20.48
N GLY A 62 11.51 -11.77 21.70
CA GLY A 62 12.02 -10.56 22.31
C GLY A 62 13.14 -10.92 23.26
N GLU A 63 14.05 -9.97 23.48
CA GLU A 63 15.11 -10.19 24.44
C GLU A 63 15.63 -8.86 24.96
N ALA A 64 16.21 -8.93 26.16
CA ALA A 64 16.65 -7.75 26.89
C ALA A 64 18.06 -7.40 26.43
N LYS A 65 18.13 -6.79 25.26
CA LYS A 65 19.31 -6.13 24.75
C LYS A 65 18.98 -4.65 24.59
N GLU A 66 20.00 -3.80 24.75
CA GLU A 66 19.79 -2.36 24.63
C GLU A 66 19.84 -1.87 23.19
N ASN A 67 20.26 -2.70 22.25
CA ASN A 67 20.32 -2.35 20.84
C ASN A 67 19.39 -3.27 20.06
N CYS A 68 19.04 -2.83 18.84
CA CYS A 68 18.02 -3.50 18.05
C CYS A 68 18.67 -4.51 17.11
N LEU A 69 19.08 -5.65 17.69
CA LEU A 69 19.81 -6.67 16.92
C LEU A 69 18.98 -7.20 15.76
N ALA A 70 17.66 -7.33 15.92
CA ALA A 70 16.82 -7.86 14.85
C ALA A 70 16.97 -7.05 13.57
N TRP A 71 17.18 -5.74 13.70
CA TRP A 71 17.25 -4.90 12.51
C TRP A 71 18.48 -5.28 11.67
N ASP A 72 19.63 -5.41 12.32
CA ASP A 72 20.83 -5.83 11.62
C ASP A 72 20.67 -7.22 11.01
N ILE A 73 20.12 -8.17 11.79
CA ILE A 73 19.97 -9.52 11.24
C ILE A 73 19.05 -9.52 10.02
N ALA A 74 17.95 -8.77 10.09
CA ALA A 74 16.99 -8.78 9.01
C ALA A 74 17.52 -8.06 7.77
N ARG A 75 18.26 -6.96 7.97
CA ARG A 75 18.90 -6.29 6.84
C ARG A 75 19.88 -7.23 6.14
N GLU A 76 20.76 -7.88 6.93
CA GLU A 76 21.78 -8.75 6.33
C GLU A 76 21.17 -9.98 5.68
N SER A 77 20.11 -10.53 6.27
CA SER A 77 19.51 -11.75 5.77
C SER A 77 18.41 -11.50 4.74
N GLY A 78 18.32 -10.29 4.19
CA GLY A 78 17.34 -9.97 3.19
C GLY A 78 15.90 -9.88 3.67
N LEU A 79 15.63 -10.04 4.97
CA LEU A 79 14.25 -10.02 5.44
C LEU A 79 13.70 -8.60 5.59
N LEU A 80 14.53 -7.58 5.38
CA LEU A 80 14.07 -6.21 5.52
C LEU A 80 14.85 -5.36 4.52
N SER A 81 14.18 -4.92 3.46
CA SER A 81 14.75 -4.04 2.47
C SER A 81 14.11 -2.67 2.60
N ASP A 82 14.76 -1.66 2.02
CA ASP A 82 14.22 -0.31 2.02
C ASP A 82 12.82 -0.32 1.44
N GLN A 83 11.89 0.36 2.11
CA GLN A 83 10.50 0.41 1.65
C GLN A 83 10.19 1.64 0.82
N GLY A 84 11.08 2.63 0.76
CA GLY A 84 10.75 3.93 0.20
C GLY A 84 9.65 4.60 0.99
N HIS A 85 9.85 4.73 2.30
CA HIS A 85 8.73 5.06 3.18
C HIS A 85 9.28 5.51 4.52
N PRO A 86 8.55 6.35 5.27
CA PRO A 86 9.02 6.74 6.61
C PRO A 86 9.33 5.58 7.56
N VAL A 87 8.80 4.36 7.33
CA VAL A 87 9.19 3.25 8.21
C VAL A 87 10.66 2.92 8.05
N ASP A 88 11.27 3.30 6.92
CA ASP A 88 12.65 2.91 6.59
C ASP A 88 13.62 3.24 7.71
N THR A 89 13.42 4.37 8.38
CA THR A 89 14.35 4.82 9.43
C THR A 89 13.70 4.91 10.79
N LEU A 90 12.40 4.56 10.91
CA LEU A 90 11.66 4.90 12.13
C LEU A 90 12.23 4.17 13.36
N ILE A 91 12.49 2.86 13.22
CA ILE A 91 13.02 2.10 14.35
C ILE A 91 14.35 2.70 14.80
N GLN A 92 15.21 3.10 13.84
CA GLN A 92 16.48 3.72 14.22
C GLN A 92 16.23 4.98 15.03
N GLU A 93 15.32 5.83 14.53
CA GLU A 93 14.97 7.04 15.27
C GLU A 93 14.50 6.68 16.67
N MET A 94 13.69 5.62 16.78
CA MET A 94 13.18 5.23 18.09
C MET A 94 14.33 4.89 19.03
N PHE A 95 15.28 4.09 18.56
CA PHE A 95 16.36 3.73 19.46
C PHE A 95 17.29 4.91 19.69
N GLN A 96 17.30 5.89 18.78
CA GLN A 96 18.07 7.10 19.05
C GLN A 96 17.36 8.00 20.06
N ALA A 97 16.02 8.00 20.05
CA ALA A 97 15.31 8.99 20.85
C ALA A 97 15.05 8.52 22.28
N ILE A 98 14.86 7.22 22.47
CA ILE A 98 14.51 6.65 23.77
C ILE A 98 15.40 5.45 24.05
N PRO A 99 16.04 5.40 25.22
CA PRO A 99 16.88 4.24 25.55
C PRO A 99 16.02 2.99 25.74
N ALA A 100 16.52 1.87 25.22
CA ALA A 100 15.77 0.64 25.25
C ALA A 100 16.36 -0.33 26.26
N ILE A 101 15.48 -1.04 26.97
CA ILE A 101 15.93 -2.18 27.77
C ILE A 101 15.71 -3.50 27.04
N ALA A 102 14.92 -3.52 25.97
CA ALA A 102 14.68 -4.76 25.24
C ALA A 102 14.31 -4.43 23.79
N TYR A 103 14.31 -5.46 22.95
CA TYR A 103 13.77 -5.32 21.60
C TYR A 103 13.05 -6.62 21.25
N GLY A 104 12.29 -6.59 20.16
CA GLY A 104 11.66 -7.80 19.68
C GLY A 104 11.42 -7.72 18.19
N ALA A 105 11.04 -8.85 17.62
CA ALA A 105 10.70 -8.87 16.21
C ALA A 105 9.57 -9.88 15.99
N ASP A 106 8.78 -9.61 14.94
CA ASP A 106 7.53 -10.29 14.63
C ASP A 106 7.55 -10.72 13.17
N PHE A 107 7.08 -11.93 12.90
CA PHE A 107 7.16 -12.54 11.57
C PHE A 107 5.82 -13.16 11.21
N ASP A 108 5.29 -12.82 10.05
CA ASP A 108 4.15 -13.56 9.49
C ASP A 108 4.74 -14.67 8.62
N ILE A 109 4.34 -15.91 8.87
CA ILE A 109 5.00 -17.06 8.24
C ILE A 109 4.62 -17.18 6.77
N ASN A 110 3.71 -16.34 6.29
CA ASN A 110 3.45 -16.22 4.86
C ASN A 110 4.16 -15.03 4.22
N TYR A 111 4.96 -14.28 4.96
CA TYR A 111 5.49 -13.06 4.36
C TYR A 111 6.93 -12.80 4.74
N GLY A 112 7.25 -12.86 6.03
CA GLY A 112 8.59 -12.56 6.48
C GLY A 112 8.51 -11.69 7.72
N LEU A 113 9.50 -10.82 7.90
CA LEU A 113 9.49 -9.87 9.01
C LEU A 113 8.40 -8.81 8.78
N VAL A 114 7.54 -8.61 9.77
CA VAL A 114 6.49 -7.61 9.68
C VAL A 114 6.70 -6.47 10.68
N LYS A 115 7.14 -6.76 11.91
CA LYS A 115 7.30 -5.69 12.89
C LYS A 115 8.62 -5.83 13.63
N ILE A 116 9.08 -4.70 14.15
CA ILE A 116 10.13 -4.67 15.16
C ILE A 116 9.64 -3.80 16.31
N TRP A 117 9.95 -4.22 17.55
CA TRP A 117 9.51 -3.56 18.78
C TRP A 117 10.69 -2.89 19.48
N HIS A 118 10.41 -1.74 20.08
CA HIS A 118 11.31 -1.04 20.98
C HIS A 118 10.68 -1.05 22.36
N LEU A 119 11.40 -1.56 23.36
CA LEU A 119 10.88 -1.65 24.73
C LEU A 119 11.73 -0.82 25.69
N PRO A 120 11.30 0.37 26.06
CA PRO A 120 12.04 1.15 27.05
C PRO A 120 11.56 0.78 28.45
N LYS A 121 12.22 1.36 29.45
CA LYS A 121 11.54 1.50 30.73
C LYS A 121 10.35 2.40 30.50
N ILE A 122 9.29 2.22 31.29
CA ILE A 122 8.11 3.07 31.15
C ILE A 122 8.54 4.54 31.17
N VAL A 123 8.16 5.28 30.15
CA VAL A 123 8.53 6.70 30.06
C VAL A 123 7.27 7.50 29.80
N PRO A 124 7.29 8.79 30.12
CA PRO A 124 6.18 9.65 29.70
C PRO A 124 6.06 9.64 28.19
N VAL A 125 4.81 9.68 27.70
CA VAL A 125 4.56 9.58 26.26
C VAL A 125 5.13 10.77 25.50
N GLU A 126 5.34 11.91 26.19
CA GLU A 126 6.01 13.06 25.59
C GLU A 126 7.34 12.68 24.94
N GLU A 127 8.04 11.68 25.48
CA GLU A 127 9.33 11.33 24.91
C GLU A 127 9.18 10.82 23.48
N ALA A 128 8.01 10.30 23.09
CA ALA A 128 7.83 9.86 21.72
C ALA A 128 7.53 11.00 20.76
N PHE A 129 7.05 12.15 21.25
CA PHE A 129 6.67 13.21 20.34
C PHE A 129 7.86 13.79 19.59
N LYS A 130 9.08 13.54 20.06
CA LYS A 130 10.29 14.02 19.41
C LYS A 130 10.72 13.17 18.22
N ILE A 131 10.14 11.99 18.01
CA ILE A 131 10.61 11.09 16.96
C ILE A 131 10.15 11.61 15.61
N PRO A 132 11.09 11.95 14.72
CA PRO A 132 10.73 12.80 13.57
C PRO A 132 9.75 12.14 12.61
N SER A 133 9.96 10.88 12.24
CA SER A 133 9.18 10.27 11.17
C SER A 133 7.94 9.54 11.68
N LEU A 134 7.47 9.85 12.88
CA LEU A 134 6.18 9.32 13.32
C LEU A 134 5.06 9.94 12.50
N PRO A 135 3.99 9.19 12.18
CA PRO A 135 2.85 9.80 11.47
C PRO A 135 2.35 11.00 12.27
N LYS A 136 1.89 12.03 11.55
CA LYS A 136 1.50 13.27 12.22
C LYS A 136 0.30 13.06 13.15
N SER A 137 -0.51 12.04 12.86
CA SER A 137 -1.67 11.74 13.70
C SER A 137 -1.30 11.52 15.16
N VAL A 138 -0.08 11.03 15.44
CA VAL A 138 0.34 10.80 16.81
C VAL A 138 0.40 12.11 17.59
N ASN A 139 1.16 13.09 17.08
CA ASN A 139 1.18 14.40 17.73
C ASN A 139 -0.21 15.02 17.75
N ALA A 140 -1.01 14.77 16.72
CA ALA A 140 -2.34 15.34 16.73
C ALA A 140 -3.22 14.74 17.83
N HIS A 141 -2.83 13.61 18.43
CA HIS A 141 -3.66 12.97 19.45
C HIS A 141 -3.21 13.24 20.89
N ILE A 142 -2.44 14.30 21.14
CA ILE A 142 -1.95 14.58 22.49
C ILE A 142 -3.11 14.74 23.49
N ASP A 143 -4.15 15.50 23.11
CA ASP A 143 -5.27 15.70 24.03
C ASP A 143 -6.03 14.39 24.27
N PHE A 144 -6.12 13.53 23.24
CA PHE A 144 -6.73 12.23 23.41
C PHE A 144 -5.95 11.39 24.42
N PHE A 145 -4.61 11.36 24.29
CA PHE A 145 -3.81 10.58 25.23
C PHE A 145 -4.01 11.09 26.66
N LYS A 146 -3.92 12.42 26.84
CA LYS A 146 -4.15 13.00 28.15
C LYS A 146 -5.50 12.54 28.71
N LYS A 147 -6.55 12.67 27.90
CA LYS A 147 -7.91 12.42 28.39
C LYS A 147 -8.10 10.98 28.85
N TYR A 148 -7.53 10.01 28.13
CA TYR A 148 -7.72 8.60 28.45
C TYR A 148 -6.56 8.03 29.27
N HIS A 149 -5.77 8.90 29.92
CA HIS A 149 -4.73 8.48 30.85
C HIS A 149 -3.73 7.54 30.17
N LEU A 150 -3.44 7.85 28.92
CA LEU A 150 -2.38 7.20 28.16
C LEU A 150 -1.12 8.05 28.24
N ASP A 151 -0.52 8.06 29.44
CA ASP A 151 0.65 8.88 29.73
C ASP A 151 1.91 8.06 29.94
N ALA A 152 1.80 6.76 30.22
CA ALA A 152 2.93 5.90 30.58
C ALA A 152 3.20 4.94 29.42
N LEU A 153 4.20 5.29 28.61
CA LEU A 153 4.50 4.55 27.39
C LEU A 153 5.48 3.42 27.72
N CYS A 154 5.06 2.19 27.47
CA CYS A 154 5.87 1.03 27.77
C CYS A 154 6.37 0.31 26.52
N ALA A 155 5.88 0.65 25.33
CA ALA A 155 6.53 0.10 24.15
C ALA A 155 6.20 0.91 22.91
N LEU A 156 7.00 0.68 21.85
CA LEU A 156 6.74 1.21 20.51
C LEU A 156 6.95 0.09 19.50
N THR A 157 6.23 0.16 18.37
CA THR A 157 6.51 -0.81 17.32
C THR A 157 6.36 -0.17 15.96
N VAL A 158 7.17 -0.67 15.01
CA VAL A 158 7.09 -0.32 13.60
C VAL A 158 6.60 -1.55 12.84
N ASP A 159 5.47 -1.41 12.13
CA ASP A 159 4.87 -2.47 11.32
C ASP A 159 5.19 -2.14 9.87
N TYR A 160 6.24 -2.80 9.36
CA TYR A 160 6.78 -2.53 8.03
C TYR A 160 5.83 -2.97 6.92
N ARG A 161 5.06 -4.04 7.13
CA ARG A 161 4.14 -4.51 6.09
C ARG A 161 2.89 -3.64 6.03
N ASN A 162 2.27 -3.42 7.18
CA ASN A 162 1.04 -2.64 7.32
C ASN A 162 1.29 -1.14 7.12
N LYS A 163 2.55 -0.72 7.15
CA LYS A 163 2.93 0.68 7.17
C LYS A 163 2.20 1.42 8.30
N SER A 164 2.49 0.99 9.52
CA SER A 164 1.82 1.59 10.66
C SER A 164 2.75 1.52 11.87
N THR A 165 2.34 2.18 12.95
CA THR A 165 3.12 2.19 14.18
C THR A 165 2.19 2.04 15.37
N ASN A 166 2.64 1.33 16.40
CA ASN A 166 1.83 1.25 17.62
C ASN A 166 2.55 1.94 18.77
N LEU A 167 1.77 2.60 19.62
CA LEU A 167 2.22 3.05 20.94
C LEU A 167 1.55 2.18 21.99
N TYR A 168 2.34 1.69 22.95
CA TYR A 168 1.83 0.84 24.02
C TYR A 168 1.95 1.56 25.35
N PHE A 169 0.86 1.51 26.11
CA PHE A 169 0.67 2.19 27.38
C PHE A 169 0.38 1.22 28.52
N ASP A 170 0.99 1.50 29.67
CA ASP A 170 0.63 0.85 30.93
C ASP A 170 -0.71 1.41 31.41
N ALA A 171 -1.72 0.55 31.49
CA ALA A 171 -3.05 0.95 31.95
C ALA A 171 -3.08 0.92 33.48
N HIS A 172 -2.50 1.96 34.08
CA HIS A 172 -2.32 2.04 35.53
C HIS A 172 -3.40 2.84 36.25
N HIS A 173 -4.18 3.63 35.52
CA HIS A 173 -5.07 4.59 36.15
C HIS A 173 -6.32 3.90 36.71
N PRO A 174 -6.79 4.35 37.88
CA PRO A 174 -8.02 3.77 38.45
C PRO A 174 -9.21 3.77 37.52
N GLU A 175 -9.37 4.82 36.71
CA GLU A 175 -10.46 4.87 35.74
C GLU A 175 -10.41 3.70 34.77
N GLN A 176 -9.22 3.23 34.44
CA GLN A 176 -9.09 2.07 33.56
C GLN A 176 -9.45 0.74 34.25
N ARG A 177 -9.88 0.78 35.51
CA ARG A 177 -10.49 -0.37 36.18
C ARG A 177 -12.02 -0.36 36.10
N THR A 178 -12.61 0.54 35.32
CA THR A 178 -14.05 0.58 35.13
C THR A 178 -14.41 0.24 33.68
N THR A 179 -15.56 -0.43 33.48
CA THR A 179 -16.01 -0.73 32.12
C THR A 179 -16.38 0.53 31.36
N GLN A 180 -16.81 1.57 32.06
CA GLN A 180 -17.18 2.82 31.42
C GLN A 180 -15.99 3.43 30.67
N PHE A 181 -14.77 3.24 31.19
CA PHE A 181 -13.61 3.75 30.48
C PHE A 181 -13.49 3.14 29.09
N TYR A 182 -13.67 1.82 28.99
CA TYR A 182 -13.50 1.15 27.70
C TYR A 182 -14.65 1.50 26.76
N LYS A 183 -15.88 1.58 27.29
CA LYS A 183 -16.99 2.07 26.47
C LYS A 183 -16.70 3.46 25.93
N ASN A 184 -16.11 4.33 26.75
CA ASN A 184 -15.89 5.72 26.34
C ASN A 184 -14.74 5.85 25.34
N ILE A 185 -13.62 5.16 25.59
CA ILE A 185 -12.53 5.26 24.63
C ILE A 185 -12.90 4.60 23.29
N LEU A 186 -13.74 3.57 23.32
CA LEU A 186 -14.14 2.95 22.07
C LEU A 186 -15.17 3.79 21.32
N GLN A 187 -16.14 4.36 22.05
CA GLN A 187 -17.10 5.24 21.42
C GLN A 187 -16.46 6.50 20.88
N SER A 188 -15.38 6.97 21.53
CA SER A 188 -14.70 8.18 21.05
C SER A 188 -14.16 8.00 19.64
N GLN A 189 -13.86 6.77 19.23
CA GLN A 189 -13.40 6.50 17.87
C GLN A 189 -14.50 5.93 16.98
N GLN A 190 -15.74 5.89 17.47
CA GLN A 190 -16.84 5.21 16.78
C GLN A 190 -16.49 3.75 16.47
N PHE A 191 -15.71 3.11 17.34
CA PHE A 191 -15.43 1.68 17.27
C PHE A 191 -16.57 0.89 17.90
N GLU A 192 -16.65 -0.39 17.56
CA GLU A 192 -17.66 -1.27 18.14
C GLU A 192 -17.40 -1.50 19.63
N VAL A 193 -18.47 -1.48 20.42
CA VAL A 193 -18.40 -1.76 21.85
C VAL A 193 -18.75 -3.23 22.06
N PRO A 194 -17.89 -4.02 22.70
CA PRO A 194 -18.15 -5.46 22.86
C PRO A 194 -19.16 -5.72 23.98
N SER A 195 -19.48 -7.01 24.15
CA SER A 195 -20.41 -7.45 25.18
C SER A 195 -19.89 -7.12 26.57
N ASP A 196 -20.80 -7.20 27.55
CA ASP A 196 -20.41 -6.91 28.93
C ASP A 196 -19.37 -7.91 29.43
N GLU A 197 -19.47 -9.16 28.99
CA GLU A 197 -18.47 -10.18 29.34
C GLU A 197 -17.06 -9.72 28.98
N VAL A 198 -16.87 -9.35 27.71
CA VAL A 198 -15.57 -8.86 27.25
C VAL A 198 -15.18 -7.61 28.04
N LEU A 199 -16.14 -6.73 28.32
CA LEU A 199 -15.81 -5.51 29.07
C LEU A 199 -15.24 -5.85 30.44
N GLU A 200 -15.84 -6.82 31.14
CA GLU A 200 -15.28 -7.16 32.45
C GLU A 200 -13.98 -7.94 32.33
N ILE A 201 -13.64 -8.41 31.12
CA ILE A 201 -12.26 -8.88 30.91
C ILE A 201 -11.32 -7.70 30.65
N LEU A 202 -11.79 -6.69 29.94
CA LEU A 202 -10.95 -5.54 29.60
C LEU A 202 -10.53 -4.76 30.82
N VAL A 203 -11.41 -4.64 31.82
CA VAL A 203 -11.04 -3.84 33.00
C VAL A 203 -9.76 -4.36 33.66
N ASN A 204 -9.41 -5.64 33.45
CA ASN A 204 -8.18 -6.16 34.01
C ASN A 204 -6.98 -6.00 33.09
N CYS A 205 -7.19 -5.56 31.85
CA CYS A 205 -6.10 -5.37 30.91
C CYS A 205 -5.08 -4.39 31.49
N PRO A 206 -3.83 -4.81 31.66
CA PRO A 206 -2.80 -3.87 32.10
C PRO A 206 -2.13 -3.09 30.98
N GLU A 207 -2.51 -3.31 29.72
CA GLU A 207 -1.81 -2.68 28.61
C GLU A 207 -2.76 -2.37 27.46
N ILE A 208 -2.57 -1.17 26.89
CA ILE A 208 -3.39 -0.69 25.78
C ILE A 208 -2.48 -0.24 24.65
N ALA A 209 -2.74 -0.73 23.43
CA ALA A 209 -1.99 -0.36 22.23
C ALA A 209 -2.88 0.48 21.33
N VAL A 210 -2.31 1.55 20.77
CA VAL A 210 -3.01 2.44 19.86
C VAL A 210 -2.24 2.50 18.55
N THR A 211 -2.93 2.24 17.45
CA THR A 211 -2.30 2.12 16.13
C THR A 211 -2.50 3.39 15.30
N PHE A 212 -1.42 3.93 14.74
CA PHE A 212 -1.46 5.07 13.84
C PHE A 212 -0.82 4.70 12.50
N ASN A 213 -1.16 5.46 11.46
CA ASN A 213 -0.61 5.22 10.12
C ASN A 213 -0.46 6.54 9.37
N TRP A 214 -0.01 6.44 8.11
CA TRP A 214 0.27 7.61 7.29
C TRP A 214 -0.81 7.87 6.26
N SER A 215 -1.94 7.19 6.38
CA SER A 215 -3.00 7.26 5.38
C SER A 215 -4.29 7.87 5.92
N SER A 216 -4.33 8.26 7.19
CA SER A 216 -5.53 8.82 7.77
C SER A 216 -5.15 9.66 8.97
N PRO A 217 -5.99 10.62 9.35
CA PRO A 217 -5.72 11.38 10.58
C PRO A 217 -6.14 10.66 11.85
N GLY A 218 -6.90 9.57 11.74
CA GLY A 218 -7.49 8.92 12.88
C GLY A 218 -6.66 7.76 13.39
N ILE A 219 -7.16 7.18 14.49
CA ILE A 219 -6.60 5.95 15.04
C ILE A 219 -7.06 4.77 14.19
N GLU A 220 -6.13 3.90 13.83
CA GLU A 220 -6.50 2.79 12.96
C GLU A 220 -7.24 1.69 13.73
N ARG A 221 -6.77 1.36 14.93
CA ARG A 221 -7.38 0.37 15.81
C ARG A 221 -6.74 0.50 17.18
N MET A 222 -7.41 -0.06 18.18
CA MET A 222 -6.87 -0.12 19.53
C MET A 222 -6.92 -1.56 20.01
N CYS A 223 -6.01 -1.93 20.90
CA CYS A 223 -5.93 -3.29 21.37
C CYS A 223 -5.71 -3.29 22.88
N PHE A 224 -6.40 -4.19 23.57
CA PHE A 224 -6.28 -4.36 25.02
C PHE A 224 -5.72 -5.74 25.28
N TYR A 225 -4.61 -5.81 26.02
CA TYR A 225 -3.91 -7.08 26.23
C TYR A 225 -4.12 -7.58 27.65
N THR A 226 -4.34 -8.90 27.76
CA THR A 226 -4.49 -9.58 29.03
C THR A 226 -3.72 -10.89 28.95
N ALA A 227 -3.13 -11.32 30.05
CA ALA A 227 -2.44 -12.60 30.11
C ALA A 227 -3.21 -13.57 30.99
N PHE A 228 -3.08 -14.85 30.66
CA PHE A 228 -3.67 -15.94 31.41
C PHE A 228 -2.57 -16.96 31.73
N VAL A 229 -2.58 -17.45 32.98
CA VAL A 229 -1.44 -18.24 33.42
C VAL A 229 -1.45 -19.66 32.88
N ASN A 230 -2.60 -20.17 32.42
CA ASN A 230 -2.66 -21.52 31.87
C ASN A 230 -3.78 -21.62 30.83
N ARG A 231 -3.91 -22.81 30.25
CA ARG A 231 -4.91 -23.03 29.21
C ARG A 231 -6.33 -22.87 29.76
N GLU A 232 -6.57 -23.32 30.98
CA GLU A 232 -7.93 -23.41 31.50
C GLU A 232 -8.52 -22.03 31.71
N THR A 233 -7.72 -21.06 32.14
CA THR A 233 -8.24 -19.74 32.47
C THR A 233 -8.38 -18.84 31.24
N VAL A 234 -7.88 -19.25 30.09
CA VAL A 234 -8.23 -18.51 28.87
C VAL A 234 -9.75 -18.58 28.68
N PRO A 235 -10.42 -17.49 28.34
CA PRO A 235 -11.89 -17.56 28.15
C PRO A 235 -12.28 -18.25 26.85
N GLN A 236 -12.14 -19.58 26.82
CA GLN A 236 -12.32 -20.35 25.60
C GLN A 236 -13.73 -20.22 25.02
N HIS A 237 -14.73 -19.98 25.87
CA HIS A 237 -16.11 -19.86 25.39
C HIS A 237 -16.35 -18.61 24.54
N ILE A 238 -15.52 -17.58 24.67
CA ILE A 238 -15.80 -16.34 23.95
C ILE A 238 -15.62 -16.51 22.44
N ASN A 239 -14.70 -17.37 21.99
CA ASN A 239 -14.45 -17.45 20.55
C ASN A 239 -13.77 -18.75 20.19
N PRO A 240 -14.16 -19.43 19.09
CA PRO A 240 -13.62 -20.78 18.83
C PRO A 240 -12.11 -20.81 18.63
N VAL A 241 -11.51 -19.74 18.13
CA VAL A 241 -10.06 -19.71 17.98
C VAL A 241 -9.39 -19.74 19.34
N LEU A 242 -9.96 -19.02 20.33
CA LEU A 242 -9.41 -19.04 21.68
C LEU A 242 -9.43 -20.45 22.26
N LYS A 243 -10.57 -21.13 22.13
CA LYS A 243 -10.67 -22.50 22.65
C LYS A 243 -9.69 -23.43 21.95
N LYS A 244 -9.66 -23.40 20.62
CA LYS A 244 -8.82 -24.36 19.91
C LYS A 244 -7.34 -24.09 20.20
N PHE A 245 -6.90 -22.83 20.13
CA PHE A 245 -5.50 -22.55 20.39
C PHE A 245 -5.14 -22.83 21.85
N ALA A 246 -5.99 -22.41 22.79
CA ALA A 246 -5.68 -22.64 24.20
C ALA A 246 -5.53 -24.13 24.48
N GLN A 247 -6.37 -24.96 23.88
CA GLN A 247 -6.26 -26.39 24.16
C GLN A 247 -5.17 -27.08 23.34
N GLU A 248 -4.76 -26.52 22.19
CA GLU A 248 -3.86 -27.24 21.28
C GLU A 248 -2.49 -26.61 21.11
N ALA A 249 -2.28 -25.37 21.53
CA ALA A 249 -1.04 -24.69 21.20
C ALA A 249 0.14 -25.44 21.79
N PRO A 250 1.21 -25.62 21.03
CA PRO A 250 2.41 -26.28 21.54
C PRO A 250 3.22 -25.36 22.43
N ALA A 251 3.99 -25.99 23.32
CA ALA A 251 4.93 -25.28 24.17
C ALA A 251 5.92 -26.30 24.72
N LEU A 252 6.97 -25.80 25.37
CA LEU A 252 7.96 -26.70 25.93
C LEU A 252 7.55 -27.25 27.30
N LEU A 253 6.54 -26.66 27.94
CA LEU A 253 5.91 -27.26 29.10
C LEU A 253 4.49 -27.72 28.72
N ASP A 254 3.86 -28.46 29.63
CA ASP A 254 2.57 -29.08 29.28
C ASP A 254 1.42 -28.08 29.37
N ASN A 255 1.43 -27.22 30.38
CA ASN A 255 0.40 -26.21 30.61
C ASN A 255 1.01 -24.81 30.55
N PRO A 256 1.16 -24.24 29.35
CA PRO A 256 1.74 -22.91 29.22
C PRO A 256 0.70 -21.81 29.42
N GLY A 257 1.21 -20.60 29.66
CA GLY A 257 0.37 -19.42 29.69
C GLY A 257 0.17 -18.81 28.29
N PHE A 258 -0.65 -17.75 28.26
CA PHE A 258 -1.09 -17.18 26.99
C PHE A 258 -1.25 -15.67 27.13
N LEU A 259 -1.02 -14.96 26.03
CA LEU A 259 -1.31 -13.54 25.93
C LEU A 259 -2.45 -13.37 24.93
N VAL A 260 -3.52 -12.72 25.37
CA VAL A 260 -4.70 -12.48 24.54
C VAL A 260 -4.82 -10.98 24.33
N GLY A 261 -4.94 -10.58 23.07
CA GLY A 261 -5.22 -9.21 22.68
C GLY A 261 -6.60 -9.11 22.07
N TRP A 262 -7.37 -8.13 22.56
CA TRP A 262 -8.69 -7.80 22.02
C TRP A 262 -8.56 -6.51 21.20
N SER A 263 -8.65 -6.63 19.88
CA SER A 263 -8.52 -5.51 18.96
C SER A 263 -9.89 -4.96 18.56
N PHE A 264 -9.95 -3.66 18.36
CA PHE A 264 -11.19 -2.97 18.03
C PHE A 264 -10.91 -1.88 17.02
N GLY A 265 -11.77 -1.79 16.00
CA GLY A 265 -11.68 -0.74 15.01
C GLY A 265 -13.06 -0.30 14.56
N PRO A 266 -13.11 0.43 13.43
CA PRO A 266 -14.30 1.09 12.87
C PRO A 266 -15.59 0.27 12.85
N LYS A 269 -16.40 -2.58 9.22
CA LYS A 269 -15.33 -2.87 8.27
C LYS A 269 -13.98 -2.54 8.90
N LYS A 270 -13.48 -3.41 9.78
CA LYS A 270 -12.51 -2.95 10.77
C LYS A 270 -11.55 -4.06 11.16
N GLY A 271 -10.72 -3.71 12.13
CA GLY A 271 -9.93 -4.63 12.91
C GLY A 271 -10.50 -4.77 14.31
N THR A 272 -11.71 -5.32 14.37
CA THR A 272 -12.27 -5.92 15.58
C THR A 272 -12.01 -7.43 15.50
N TYR A 273 -11.17 -7.94 16.38
CA TYR A 273 -10.80 -9.35 16.32
C TYR A 273 -9.98 -9.73 17.54
N ILE A 274 -9.61 -11.02 17.58
CA ILE A 274 -8.89 -11.63 18.69
C ILE A 274 -7.48 -11.98 18.22
N LYS A 275 -6.53 -11.88 19.15
CA LYS A 275 -5.19 -12.40 18.97
C LYS A 275 -4.83 -13.22 20.20
N ILE A 276 -4.22 -14.39 19.99
CA ILE A 276 -3.76 -15.19 21.13
C ILE A 276 -2.39 -15.78 20.82
N ASP A 277 -1.45 -15.61 21.76
CA ASP A 277 -0.08 -16.09 21.68
C ASP A 277 0.19 -17.06 22.82
N VAL A 278 0.96 -18.11 22.53
CA VAL A 278 1.35 -19.08 23.54
C VAL A 278 2.76 -18.76 24.01
N ASP A 279 2.97 -18.81 25.34
CA ASP A 279 4.26 -18.57 26.00
C ASP A 279 5.12 -19.82 25.85
N TYR A 280 5.81 -19.92 24.72
CA TYR A 280 6.41 -21.18 24.28
C TYR A 280 7.42 -21.71 25.30
N HIS A 281 8.29 -20.86 25.81
CA HIS A 281 9.29 -21.27 26.80
C HIS A 281 8.86 -21.03 28.24
N GLY A 282 7.86 -20.17 28.49
CA GLY A 282 7.45 -19.84 29.84
C GLY A 282 8.00 -18.54 30.41
N LEU A 283 8.68 -17.72 29.62
CA LEU A 283 9.24 -16.47 30.10
C LEU A 283 8.34 -15.27 29.82
N VAL A 284 7.52 -15.34 28.77
CA VAL A 284 6.79 -14.16 28.30
C VAL A 284 5.80 -13.69 29.36
N VAL A 285 4.97 -14.61 29.87
CA VAL A 285 3.90 -14.21 30.79
C VAL A 285 4.44 -13.56 32.07
N PRO A 286 5.42 -14.15 32.77
CA PRO A 286 6.01 -13.43 33.92
C PRO A 286 6.60 -12.08 33.56
N SER A 287 7.31 -11.98 32.42
CA SER A 287 7.86 -10.68 32.02
C SER A 287 6.75 -9.66 31.74
N PHE A 288 5.59 -10.13 31.26
CA PHE A 288 4.44 -9.25 31.09
C PHE A 288 3.98 -8.68 32.42
N PHE A 289 3.76 -9.55 33.41
CA PHE A 289 3.31 -9.06 34.71
C PHE A 289 4.36 -8.15 35.36
N HIS A 290 5.64 -8.46 35.18
CA HIS A 290 6.72 -7.68 35.79
C HIS A 290 6.85 -6.30 35.16
N MET A 291 6.78 -6.24 33.82
CA MET A 291 6.88 -4.94 33.14
C MET A 291 5.73 -4.02 33.49
N HIS A 292 4.61 -4.55 34.00
CA HIS A 292 3.49 -3.75 34.43
C HIS A 292 3.31 -3.75 35.95
N ASN A 293 4.32 -4.21 36.69
CA ASN A 293 4.38 -4.10 38.15
C ASN A 293 3.22 -4.83 38.84
N LEU A 294 2.80 -5.95 38.27
CA LEU A 294 1.79 -6.79 38.91
C LEU A 294 2.43 -8.10 39.32
N THR B 2 -17.51 -9.44 -1.97
CA THR B 2 -17.78 -8.61 -3.13
C THR B 2 -16.52 -8.39 -3.96
N ILE B 3 -16.69 -8.33 -5.29
CA ILE B 3 -15.55 -8.04 -6.16
C ILE B 3 -14.97 -6.67 -5.85
N VAL B 4 -15.83 -5.68 -5.57
CA VAL B 4 -15.35 -4.32 -5.33
C VAL B 4 -14.51 -4.24 -4.06
N ASN B 5 -14.85 -5.04 -3.04
CA ASN B 5 -14.04 -5.06 -1.83
C ASN B 5 -12.69 -5.73 -2.07
N ARG B 6 -12.66 -6.79 -2.88
CA ARG B 6 -11.39 -7.39 -3.28
C ARG B 6 -10.52 -6.39 -4.03
N ILE B 7 -11.13 -5.59 -4.91
CA ILE B 7 -10.39 -4.56 -5.64
C ILE B 7 -9.79 -3.55 -4.66
N ARG B 8 -10.61 -3.01 -3.76
CA ARG B 8 -10.11 -2.01 -2.81
CA ARG B 8 -10.11 -2.00 -2.81
C ARG B 8 -8.97 -2.57 -1.96
N THR B 9 -9.13 -3.82 -1.48
CA THR B 9 -8.07 -4.46 -0.69
C THR B 9 -6.78 -4.58 -1.49
N ASP B 10 -6.89 -5.02 -2.75
CA ASP B 10 -5.70 -5.14 -3.60
C ASP B 10 -5.03 -3.79 -3.79
N VAL B 11 -5.81 -2.73 -4.01
CA VAL B 11 -5.21 -1.42 -4.24
C VAL B 11 -4.44 -0.97 -3.00
N VAL B 12 -5.07 -1.10 -1.83
CA VAL B 12 -4.38 -0.75 -0.59
C VAL B 12 -3.11 -1.59 -0.43
N ASN B 13 -3.17 -2.87 -0.81
CA ASN B 13 -1.99 -3.70 -0.61
C ASN B 13 -0.86 -3.32 -1.54
N VAL B 14 -1.17 -2.86 -2.75
CA VAL B 14 -0.12 -2.35 -3.63
C VAL B 14 0.51 -1.10 -3.01
N ALA B 15 -0.33 -0.15 -2.59
CA ALA B 15 0.22 1.08 -1.98
C ALA B 15 1.12 0.76 -0.79
N LYS B 16 0.66 -0.09 0.15
CA LYS B 16 1.54 -0.43 1.27
C LYS B 16 2.82 -1.11 0.78
N SER B 17 2.68 -2.03 -0.18
CA SER B 17 3.85 -2.78 -0.64
C SER B 17 4.89 -1.89 -1.27
N PHE B 18 4.48 -0.92 -2.06
CA PHE B 18 5.44 -0.04 -2.69
C PHE B 18 5.73 1.22 -1.88
N GLY B 19 5.16 1.35 -0.68
CA GLY B 19 5.41 2.54 0.10
C GLY B 19 4.83 3.82 -0.46
N ALA B 20 3.79 3.73 -1.30
CA ALA B 20 3.17 4.90 -1.89
C ALA B 20 2.35 5.70 -0.86
N GLU B 21 2.40 7.02 -0.97
CA GLU B 21 1.48 7.86 -0.21
C GLU B 21 0.05 7.60 -0.68
N TYR B 22 -0.86 7.50 0.28
CA TYR B 22 -2.26 7.32 -0.07
C TYR B 22 -3.13 7.78 1.07
N SER B 23 -4.39 8.02 0.76
CA SER B 23 -5.37 8.55 1.71
C SER B 23 -6.56 7.62 1.76
N GLU B 24 -6.86 7.10 2.96
CA GLU B 24 -8.05 6.26 3.12
C GLU B 24 -9.32 7.05 2.77
N ALA B 25 -9.37 8.33 3.13
CA ALA B 25 -10.53 9.14 2.76
C ALA B 25 -10.65 9.28 1.25
N VAL B 26 -9.53 9.53 0.57
CA VAL B 26 -9.58 9.67 -0.88
C VAL B 26 -10.07 8.38 -1.51
N ILE B 27 -9.51 7.25 -1.08
CA ILE B 27 -9.93 5.94 -1.59
C ILE B 27 -11.42 5.73 -1.37
N ASP B 28 -11.91 6.03 -0.16
CA ASP B 28 -13.35 5.91 0.11
C ASP B 28 -14.16 6.75 -0.87
N GLN B 29 -13.76 8.01 -1.09
CA GLN B 29 -14.49 8.87 -2.02
C GLN B 29 -14.50 8.30 -3.43
N ILE B 30 -13.32 7.87 -3.91
CA ILE B 30 -13.22 7.29 -5.24
C ILE B 30 -14.12 6.09 -5.38
N PHE B 31 -14.05 5.16 -4.43
CA PHE B 31 -14.82 3.93 -4.57
C PHE B 31 -16.30 4.15 -4.40
N GLN B 32 -16.71 5.09 -3.54
CA GLN B 32 -18.12 5.49 -3.52
C GLN B 32 -18.57 5.91 -4.91
N GLY B 33 -17.76 6.71 -5.61
CA GLY B 33 -18.17 7.16 -6.92
C GLY B 33 -18.04 6.15 -8.06
N PHE B 34 -16.99 5.33 -8.05
CA PHE B 34 -16.57 4.58 -9.22
C PHE B 34 -16.38 3.08 -8.98
N GLY B 35 -16.65 2.58 -7.76
CA GLY B 35 -16.41 1.17 -7.47
C GLY B 35 -17.09 0.22 -8.42
N GLU B 36 -18.36 0.49 -8.76
CA GLU B 36 -19.05 -0.33 -9.76
C GLU B 36 -18.33 -0.28 -11.10
N LYS B 37 -17.90 0.91 -11.52
CA LYS B 37 -17.12 1.03 -12.75
C LYS B 37 -15.89 0.14 -12.72
N PHE B 38 -15.14 0.18 -11.60
CA PHE B 38 -13.94 -0.65 -11.48
C PHE B 38 -14.30 -2.14 -11.56
N THR B 39 -15.49 -2.50 -11.09
CA THR B 39 -15.87 -3.90 -11.09
C THR B 39 -16.22 -4.39 -12.49
N ASN B 40 -16.88 -3.57 -13.30
CA ASN B 40 -17.50 -4.05 -14.53
C ASN B 40 -16.79 -3.64 -15.82
N THR B 41 -15.74 -2.82 -15.77
CA THR B 41 -15.15 -2.28 -17.00
C THR B 41 -13.65 -2.58 -17.07
N GLY B 42 -12.92 -1.88 -17.93
CA GLY B 42 -11.48 -2.10 -17.99
C GLY B 42 -10.75 -1.38 -16.86
N PHE B 43 -10.21 -2.11 -15.90
CA PHE B 43 -9.59 -1.53 -14.71
C PHE B 43 -8.11 -1.89 -14.68
N ALA B 44 -7.28 -0.92 -14.28
CA ALA B 44 -5.86 -1.17 -14.08
C ALA B 44 -5.35 -0.46 -12.83
N ILE B 45 -4.33 -1.04 -12.21
CA ILE B 45 -3.55 -0.43 -11.15
C ILE B 45 -2.18 -0.09 -11.74
N ARG B 46 -1.71 1.12 -11.48
CA ARG B 46 -0.45 1.61 -12.03
C ARG B 46 0.48 2.04 -10.89
N VAL B 47 1.76 1.72 -11.04
CA VAL B 47 2.80 2.39 -10.24
C VAL B 47 3.77 3.07 -11.20
N GLN B 48 4.37 4.16 -10.71
CA GLN B 48 5.38 4.87 -11.47
C GLN B 48 6.41 5.46 -10.52
N ASN B 49 7.64 5.65 -11.01
CA ASN B 49 8.71 6.23 -10.20
C ASN B 49 9.00 7.66 -10.64
N LYS B 50 7.96 8.46 -10.84
CA LYS B 50 8.12 9.82 -11.35
C LYS B 50 8.92 10.69 -10.38
N ARG B 51 8.50 10.72 -9.11
CA ARG B 51 9.20 11.54 -8.12
C ARG B 51 10.40 10.77 -7.53
N ASN B 52 11.27 11.52 -6.84
CA ASN B 52 12.55 10.98 -6.40
C ASN B 52 12.39 10.04 -5.21
N GLN B 53 12.91 8.81 -5.35
CA GLN B 53 12.92 7.80 -4.29
C GLN B 53 11.53 7.50 -3.74
N LYS B 54 10.49 7.69 -4.55
CA LYS B 54 9.11 7.44 -4.13
C LYS B 54 8.31 6.92 -5.31
N VAL B 55 7.45 5.92 -5.04
CA VAL B 55 6.58 5.31 -6.04
C VAL B 55 5.17 5.87 -5.87
N ASP B 56 4.56 6.31 -6.95
CA ASP B 56 3.17 6.74 -6.92
C ASP B 56 2.24 5.66 -7.47
N CYS B 57 1.05 5.57 -6.89
CA CYS B 57 0.07 4.57 -7.30
C CYS B 57 -1.20 5.25 -7.81
N ASN B 58 -1.58 4.93 -9.04
CA ASN B 58 -2.83 5.36 -9.67
C ASN B 58 -3.72 4.16 -9.93
N ILE B 59 -5.01 4.40 -9.96
CA ILE B 59 -5.97 3.40 -10.40
C ILE B 59 -6.80 4.06 -11.48
N ARG B 60 -7.18 3.29 -12.49
CA ARG B 60 -7.84 3.89 -13.64
C ARG B 60 -8.77 2.87 -14.28
N TYR B 61 -9.71 3.37 -15.07
CA TYR B 61 -10.61 2.49 -15.80
C TYR B 61 -10.98 3.13 -17.12
N GLY B 62 -11.53 2.32 -18.01
CA GLY B 62 -12.02 2.79 -19.28
C GLY B 62 -13.19 1.92 -19.69
N GLU B 63 -14.12 2.52 -20.45
CA GLU B 63 -15.22 1.73 -21.01
C GLU B 63 -15.68 2.37 -22.30
N ALA B 64 -16.28 1.52 -23.14
CA ALA B 64 -16.69 1.89 -24.50
C ALA B 64 -18.07 2.52 -24.45
N LYS B 65 -18.09 3.79 -24.09
CA LYS B 65 -19.28 4.62 -24.16
C LYS B 65 -18.91 5.90 -24.90
N GLU B 66 -19.87 6.46 -25.63
CA GLU B 66 -19.59 7.64 -26.46
C GLU B 66 -19.64 8.94 -25.68
N ASN B 67 -20.14 8.94 -24.46
CA ASN B 67 -20.25 10.13 -23.64
C ASN B 67 -19.37 9.96 -22.40
N CYS B 68 -18.93 11.09 -21.85
CA CYS B 68 -17.92 11.07 -20.80
C CYS B 68 -18.60 10.96 -19.43
N LEU B 69 -18.96 9.72 -19.07
CA LEU B 69 -19.69 9.50 -17.81
C LEU B 69 -18.86 9.85 -16.58
N ALA B 70 -17.54 9.63 -16.64
CA ALA B 70 -16.66 9.96 -15.51
C ALA B 70 -16.78 11.42 -15.11
N TRP B 71 -16.97 12.31 -16.07
CA TRP B 71 -17.12 13.71 -15.74
C TRP B 71 -18.35 13.94 -14.88
N ASP B 72 -19.50 13.36 -15.29
CA ASP B 72 -20.74 13.50 -14.52
C ASP B 72 -20.58 12.92 -13.12
N ILE B 73 -20.02 11.70 -13.02
CA ILE B 73 -19.91 11.05 -11.71
C ILE B 73 -18.96 11.84 -10.83
N ALA B 74 -17.82 12.25 -11.39
CA ALA B 74 -16.82 12.98 -10.61
C ALA B 74 -17.39 14.29 -10.10
N ARG B 75 -18.07 15.04 -10.98
CA ARG B 75 -18.68 16.30 -10.52
C ARG B 75 -19.71 16.04 -9.42
N GLU B 76 -20.51 14.97 -9.55
CA GLU B 76 -21.53 14.71 -8.55
C GLU B 76 -20.92 14.31 -7.21
N SER B 77 -19.82 13.54 -7.24
CA SER B 77 -19.16 13.05 -6.05
C SER B 77 -18.28 14.08 -5.37
N GLY B 78 -18.18 15.29 -5.92
CA GLY B 78 -17.19 16.23 -5.43
C GLY B 78 -15.75 15.84 -5.72
N LEU B 79 -15.52 14.84 -6.58
CA LEU B 79 -14.15 14.51 -6.95
C LEU B 79 -13.60 15.44 -8.01
N LEU B 80 -14.44 16.26 -8.62
CA LEU B 80 -13.99 17.21 -9.63
C LEU B 80 -14.73 18.52 -9.43
N SER B 81 -13.98 19.60 -9.29
CA SER B 81 -14.54 20.92 -9.09
C SER B 81 -13.92 21.88 -10.09
N ASP B 82 -14.57 23.03 -10.24
CA ASP B 82 -14.02 24.11 -11.06
C ASP B 82 -12.61 24.46 -10.61
N GLN B 83 -11.69 24.58 -11.57
CA GLN B 83 -10.31 24.89 -11.25
C GLN B 83 -9.94 26.35 -11.53
N GLY B 84 -10.85 27.14 -12.09
CA GLY B 84 -10.48 28.48 -12.57
C GLY B 84 -9.39 28.45 -13.63
N HIS B 85 -9.57 27.64 -14.69
CA HIS B 85 -8.48 27.27 -15.58
C HIS B 85 -9.03 26.64 -16.86
N PRO B 86 -8.34 26.74 -18.00
CA PRO B 86 -8.80 26.07 -19.24
C PRO B 86 -9.22 24.60 -19.12
N VAL B 87 -8.56 23.81 -18.25
CA VAL B 87 -8.98 22.41 -18.14
C VAL B 87 -10.46 22.31 -17.80
N ASP B 88 -11.02 23.35 -17.16
CA ASP B 88 -12.40 23.32 -16.73
C ASP B 88 -13.35 22.91 -17.84
N THR B 89 -13.08 23.34 -19.07
CA THR B 89 -13.99 23.04 -20.16
C THR B 89 -13.38 22.13 -21.21
N LEU B 90 -12.12 21.74 -21.04
CA LEU B 90 -11.38 21.13 -22.14
C LEU B 90 -11.99 19.78 -22.54
N ILE B 91 -12.23 18.91 -21.56
CA ILE B 91 -12.79 17.59 -21.90
C ILE B 91 -14.12 17.77 -22.62
N GLN B 92 -14.94 18.74 -22.17
CA GLN B 92 -16.22 18.97 -22.84
C GLN B 92 -15.99 19.32 -24.29
N GLU B 93 -15.06 20.25 -24.54
CA GLU B 93 -14.75 20.64 -25.91
C GLU B 93 -14.30 19.43 -26.72
N MET B 94 -13.48 18.57 -26.13
CA MET B 94 -13.00 17.40 -26.84
C MET B 94 -14.16 16.54 -27.30
N PHE B 95 -15.13 16.29 -26.42
CA PHE B 95 -16.23 15.43 -26.80
C PHE B 95 -17.15 16.13 -27.79
N GLN B 96 -17.18 17.47 -27.78
CA GLN B 96 -17.93 18.18 -28.80
C GLN B 96 -17.17 18.21 -30.11
N ALA B 97 -15.84 18.17 -30.07
CA ALA B 97 -15.11 18.36 -31.31
C ALA B 97 -14.95 17.05 -32.07
N ILE B 98 -14.69 15.96 -31.36
CA ILE B 98 -14.39 14.67 -31.98
C ILE B 98 -15.30 13.61 -31.37
N PRO B 99 -15.97 12.81 -32.18
CA PRO B 99 -16.79 11.70 -31.63
C PRO B 99 -15.92 10.71 -30.89
N ALA B 100 -16.45 10.19 -29.78
CA ALA B 100 -15.71 9.26 -28.94
C ALA B 100 -16.34 7.88 -29.02
N ILE B 101 -15.50 6.85 -29.03
CA ILE B 101 -15.98 5.48 -28.88
C ILE B 101 -15.76 4.96 -27.46
N ALA B 102 -14.95 5.63 -26.65
CA ALA B 102 -14.70 5.19 -25.29
C ALA B 102 -14.26 6.40 -24.46
N TYR B 103 -14.26 6.22 -23.15
CA TYR B 103 -13.70 7.22 -22.25
C TYR B 103 -13.00 6.47 -21.13
N GLY B 104 -12.32 7.23 -20.27
CA GLY B 104 -11.64 6.63 -19.13
C GLY B 104 -11.34 7.68 -18.09
N ALA B 105 -10.91 7.21 -16.93
CA ALA B 105 -10.60 8.13 -15.86
C ALA B 105 -9.50 7.56 -15.00
N ASP B 106 -8.69 8.47 -14.46
CA ASP B 106 -7.44 8.18 -13.77
C ASP B 106 -7.49 8.85 -12.40
N PHE B 107 -7.06 8.13 -11.37
CA PHE B 107 -7.14 8.56 -9.98
C PHE B 107 -5.81 8.32 -9.30
N ASP B 108 -5.28 9.33 -8.60
CA ASP B 108 -4.17 9.14 -7.67
C ASP B 108 -4.77 8.92 -6.29
N ILE B 109 -4.37 7.82 -5.63
CA ILE B 109 -5.01 7.41 -4.38
C ILE B 109 -4.63 8.30 -3.21
N ASN B 110 -3.71 9.24 -3.39
CA ASN B 110 -3.40 10.29 -2.41
C ASN B 110 -4.06 11.61 -2.73
N TYR B 111 -4.88 11.69 -3.78
CA TYR B 111 -5.41 12.97 -4.21
C TYR B 111 -6.88 12.86 -4.63
N GLY B 112 -7.18 12.03 -5.65
CA GLY B 112 -8.51 11.92 -6.20
C GLY B 112 -8.46 11.73 -7.71
N LEU B 113 -9.41 12.30 -8.45
CA LEU B 113 -9.39 12.22 -9.91
C LEU B 113 -8.32 13.16 -10.44
N VAL B 114 -7.49 12.68 -11.37
CA VAL B 114 -6.42 13.45 -11.95
C VAL B 114 -6.60 13.67 -13.44
N LYS B 115 -7.03 12.64 -14.19
CA LYS B 115 -7.18 12.73 -15.64
C LYS B 115 -8.53 12.15 -16.07
N ILE B 116 -9.03 12.67 -17.19
CA ILE B 116 -10.08 12.00 -17.95
C ILE B 116 -9.57 11.84 -19.38
N TRP B 117 -9.89 10.70 -19.99
CA TRP B 117 -9.44 10.35 -21.33
C TRP B 117 -10.61 10.40 -22.32
N HIS B 118 -10.30 10.86 -23.52
CA HIS B 118 -11.18 10.82 -24.68
C HIS B 118 -10.57 9.90 -25.72
N LEU B 119 -11.32 8.89 -26.17
CA LEU B 119 -10.81 7.92 -27.15
C LEU B 119 -11.69 7.91 -28.39
N PRO B 120 -11.27 8.54 -29.47
CA PRO B 120 -11.98 8.40 -30.75
C PRO B 120 -11.47 7.17 -31.48
N LYS B 121 -12.16 6.85 -32.58
CA LYS B 121 -11.50 6.09 -33.62
C LYS B 121 -10.32 6.92 -34.13
N ILE B 122 -9.27 6.24 -34.59
CA ILE B 122 -8.08 6.97 -35.04
C ILE B 122 -8.46 8.02 -36.07
N VAL B 123 -8.08 9.27 -35.82
CA VAL B 123 -8.45 10.40 -36.68
C VAL B 123 -7.19 11.16 -37.03
N PRO B 124 -7.21 11.94 -38.11
CA PRO B 124 -6.10 12.87 -38.36
C PRO B 124 -5.94 13.84 -37.19
N VAL B 125 -4.69 14.16 -36.86
CA VAL B 125 -4.41 15.05 -35.74
C VAL B 125 -4.98 16.45 -35.97
N GLU B 126 -5.20 16.84 -37.23
CA GLU B 126 -5.75 18.15 -37.54
C GLU B 126 -7.11 18.35 -36.89
N GLU B 127 -7.86 17.28 -36.65
CA GLU B 127 -9.15 17.40 -35.98
C GLU B 127 -9.02 17.92 -34.55
N ALA B 128 -7.84 17.78 -33.94
CA ALA B 128 -7.65 18.31 -32.59
C ALA B 128 -7.37 19.80 -32.59
N PHE B 129 -6.80 20.35 -33.67
CA PHE B 129 -6.41 21.76 -33.63
C PHE B 129 -7.60 22.70 -33.50
N LYS B 130 -8.80 22.23 -33.81
CA LYS B 130 -10.00 23.04 -33.63
C LYS B 130 -10.33 23.32 -32.17
N ILE B 131 -9.83 22.51 -31.23
CA ILE B 131 -10.33 22.51 -29.87
C ILE B 131 -9.92 23.80 -29.15
N PRO B 132 -10.88 24.65 -28.79
CA PRO B 132 -10.53 26.05 -28.46
C PRO B 132 -9.51 26.18 -27.35
N SER B 133 -9.66 25.45 -26.26
CA SER B 133 -8.89 25.72 -25.06
C SER B 133 -7.69 24.80 -24.91
N LEU B 134 -7.22 24.17 -25.99
CA LEU B 134 -5.91 23.53 -25.96
C LEU B 134 -4.85 24.60 -25.69
N PRO B 135 -3.73 24.23 -25.06
CA PRO B 135 -2.63 25.20 -24.93
C PRO B 135 -2.08 25.56 -26.30
N LYS B 136 -1.59 26.79 -26.42
CA LYS B 136 -1.13 27.31 -27.71
C LYS B 136 0.01 26.48 -28.29
N SER B 137 0.78 25.79 -27.43
CA SER B 137 1.93 25.03 -27.91
C SER B 137 1.52 23.86 -28.82
N VAL B 138 0.29 23.37 -28.69
CA VAL B 138 -0.15 22.26 -29.54
C VAL B 138 -0.18 22.70 -30.99
N ASN B 139 -0.91 23.77 -31.28
CA ASN B 139 -0.92 24.26 -32.65
C ASN B 139 0.44 24.79 -33.05
N ALA B 140 1.25 25.26 -32.11
CA ALA B 140 2.59 25.66 -32.54
C ALA B 140 3.49 24.47 -32.88
N HIS B 141 3.07 23.23 -32.60
CA HIS B 141 3.88 22.08 -32.96
C HIS B 141 3.38 21.33 -34.21
N ILE B 142 2.69 22.00 -35.13
CA ILE B 142 2.28 21.37 -36.40
C ILE B 142 3.47 20.69 -37.07
N ASP B 143 4.52 21.48 -37.35
CA ASP B 143 5.64 20.98 -38.13
C ASP B 143 6.34 19.85 -37.42
N PHE B 144 6.35 19.89 -36.08
CA PHE B 144 6.89 18.78 -35.30
C PHE B 144 6.09 17.50 -35.50
N PHE B 145 4.76 17.59 -35.41
CA PHE B 145 3.94 16.40 -35.62
C PHE B 145 4.15 15.84 -37.03
N LYS B 146 4.15 16.71 -38.03
CA LYS B 146 4.38 16.27 -39.41
C LYS B 146 5.72 15.56 -39.56
N LYS B 147 6.80 16.19 -39.07
CA LYS B 147 8.13 15.65 -39.24
C LYS B 147 8.30 14.27 -38.59
N TYR B 148 7.63 14.03 -37.47
CA TYR B 148 7.81 12.78 -36.74
C TYR B 148 6.66 11.80 -36.93
N HIS B 149 5.85 12.00 -37.98
CA HIS B 149 4.79 11.07 -38.38
C HIS B 149 3.79 10.87 -37.25
N LEU B 150 3.51 11.97 -36.54
CA LEU B 150 2.49 12.02 -35.51
C LEU B 150 1.22 12.61 -36.13
N ASP B 151 0.60 11.80 -36.98
CA ASP B 151 -0.57 12.20 -37.75
C ASP B 151 -1.83 11.44 -37.40
N ALA B 152 -1.72 10.27 -36.77
CA ALA B 152 -2.86 9.40 -36.50
C ALA B 152 -3.15 9.45 -34.99
N LEU B 153 -4.00 10.40 -34.60
CA LEU B 153 -4.33 10.64 -33.19
C LEU B 153 -5.31 9.58 -32.70
N CYS B 154 -4.92 8.87 -31.64
CA CYS B 154 -5.75 7.80 -31.12
C CYS B 154 -6.26 8.05 -29.72
N ALA B 155 -5.81 9.11 -29.05
CA ALA B 155 -6.50 9.48 -27.81
C ALA B 155 -6.10 10.89 -27.40
N LEU B 156 -6.88 11.44 -26.46
CA LEU B 156 -6.62 12.73 -25.84
C LEU B 156 -6.83 12.58 -24.35
N THR B 157 -6.13 13.39 -23.55
CA THR B 157 -6.44 13.36 -22.13
C THR B 157 -6.28 14.75 -21.53
N VAL B 158 -7.09 15.01 -20.51
CA VAL B 158 -6.99 16.23 -19.71
C VAL B 158 -6.49 15.84 -18.32
N ASP B 159 -5.38 16.46 -17.87
CA ASP B 159 -4.80 16.22 -16.55
C ASP B 159 -5.10 17.44 -15.68
N TYR B 160 -6.13 17.29 -14.84
CA TYR B 160 -6.64 18.39 -14.02
C TYR B 160 -5.71 18.76 -12.88
N ARG B 161 -4.94 17.80 -12.35
CA ARG B 161 -4.00 18.12 -11.27
C ARG B 161 -2.72 18.71 -11.82
N ASN B 162 -2.18 18.12 -12.89
CA ASN B 162 -0.96 18.64 -13.50
C ASN B 162 -1.19 19.87 -14.37
N LYS B 163 -2.44 20.19 -14.70
CA LYS B 163 -2.77 21.26 -15.64
C LYS B 163 -2.02 21.04 -16.96
N SER B 164 -2.32 19.91 -17.59
CA SER B 164 -1.65 19.59 -18.84
C SER B 164 -2.58 18.72 -19.68
N THR B 165 -2.22 18.54 -20.94
CA THR B 165 -3.03 17.67 -21.80
C THR B 165 -2.09 16.79 -22.60
N ASN B 166 -2.55 15.57 -22.93
CA ASN B 166 -1.74 14.68 -23.77
C ASN B 166 -2.46 14.40 -25.08
N LEU B 167 -1.68 14.37 -26.17
CA LEU B 167 -2.14 13.77 -27.43
C LEU B 167 -1.48 12.40 -27.58
N TYR B 168 -2.26 11.42 -27.99
CA TYR B 168 -1.77 10.05 -28.17
C TYR B 168 -1.90 9.66 -29.64
N PHE B 169 -0.82 9.07 -30.16
CA PHE B 169 -0.65 8.76 -31.57
C PHE B 169 -0.37 7.29 -31.81
N ASP B 170 -1.03 6.75 -32.83
CA ASP B 170 -0.69 5.42 -33.33
C ASP B 170 0.65 5.50 -34.05
N ALA B 171 1.63 4.73 -33.58
CA ALA B 171 2.97 4.77 -34.14
C ALA B 171 3.06 3.75 -35.27
N HIS B 172 2.45 4.11 -36.40
CA HIS B 172 2.28 3.19 -37.53
C HIS B 172 3.35 3.31 -38.61
N HIS B 173 4.10 4.39 -38.64
CA HIS B 173 4.97 4.66 -39.76
C HIS B 173 6.22 3.79 -39.72
N PRO B 174 6.75 3.37 -40.89
CA PRO B 174 7.95 2.54 -40.91
C PRO B 174 9.14 3.14 -40.18
N GLU B 175 9.32 4.47 -40.25
CA GLU B 175 10.45 5.07 -39.54
C GLU B 175 10.34 4.84 -38.04
N GLN B 176 9.13 4.72 -37.52
CA GLN B 176 8.97 4.47 -36.09
C GLN B 176 9.40 3.07 -35.68
N ARG B 177 9.81 2.22 -36.64
CA ARG B 177 10.42 0.94 -36.35
C ARG B 177 11.94 1.00 -36.27
N THR B 178 12.54 2.18 -36.41
CA THR B 178 13.99 2.35 -36.32
C THR B 178 14.35 3.03 -35.00
N THR B 179 15.50 2.64 -34.42
CA THR B 179 15.97 3.31 -33.21
C THR B 179 16.37 4.74 -33.49
N GLN B 180 16.78 5.03 -34.73
CA GLN B 180 17.17 6.38 -35.08
C GLN B 180 16.00 7.35 -34.94
N PHE B 181 14.77 6.87 -35.18
CA PHE B 181 13.60 7.72 -34.99
C PHE B 181 13.52 8.23 -33.56
N TYR B 182 13.69 7.34 -32.59
CA TYR B 182 13.53 7.71 -31.19
C TYR B 182 14.71 8.55 -30.71
N LYS B 183 15.92 8.24 -31.18
CA LYS B 183 17.05 9.13 -30.93
C LYS B 183 16.76 10.53 -31.45
N ASN B 184 16.20 10.63 -32.66
CA ASN B 184 15.97 11.94 -33.26
C ASN B 184 14.89 12.72 -32.52
N ILE B 185 13.76 12.07 -32.21
CA ILE B 185 12.66 12.79 -31.60
C ILE B 185 13.01 13.18 -30.15
N LEU B 186 13.80 12.36 -29.45
CA LEU B 186 14.23 12.74 -28.11
C LEU B 186 15.26 13.88 -28.16
N GLN B 187 16.20 13.81 -29.10
CA GLN B 187 17.18 14.88 -29.25
C GLN B 187 16.55 16.19 -29.71
N SER B 188 15.44 16.11 -30.43
CA SER B 188 14.77 17.32 -30.89
C SER B 188 14.23 18.15 -29.73
N GLN B 189 14.04 17.54 -28.56
CA GLN B 189 13.52 18.23 -27.38
C GLN B 189 14.59 18.42 -26.32
N GLN B 190 15.84 18.06 -26.62
CA GLN B 190 16.93 18.01 -25.63
C GLN B 190 16.55 17.10 -24.46
N PHE B 191 15.85 16.00 -24.75
CA PHE B 191 15.59 14.98 -23.76
C PHE B 191 16.73 13.96 -23.78
N GLU B 192 16.88 13.23 -22.68
CA GLU B 192 17.93 12.22 -22.58
C GLU B 192 17.59 11.01 -23.46
N VAL B 193 18.61 10.46 -24.11
CA VAL B 193 18.45 9.28 -24.97
C VAL B 193 18.79 8.05 -24.12
N PRO B 194 17.90 7.08 -24.00
CA PRO B 194 18.14 5.94 -23.11
C PRO B 194 19.14 4.96 -23.74
N SER B 195 19.38 3.85 -23.03
CA SER B 195 20.34 2.85 -23.48
C SER B 195 19.86 2.18 -24.76
N ASP B 196 20.77 1.44 -25.39
CA ASP B 196 20.43 0.73 -26.62
C ASP B 196 19.34 -0.31 -26.37
N GLU B 197 19.37 -0.98 -25.20
CA GLU B 197 18.35 -2.01 -24.96
C GLU B 197 16.96 -1.40 -24.81
N VAL B 198 16.85 -0.26 -24.14
CA VAL B 198 15.58 0.43 -24.03
C VAL B 198 15.10 0.86 -25.41
N LEU B 199 16.00 1.42 -26.23
CA LEU B 199 15.67 1.80 -27.60
C LEU B 199 15.10 0.61 -28.38
N GLU B 200 15.74 -0.55 -28.25
CA GLU B 200 15.23 -1.73 -28.95
C GLU B 200 13.90 -2.19 -28.37
N ILE B 201 13.54 -1.73 -27.16
CA ILE B 201 12.15 -1.88 -26.74
C ILE B 201 11.25 -0.81 -27.38
N LEU B 202 11.77 0.39 -27.62
CA LEU B 202 10.93 1.47 -28.12
C LEU B 202 10.49 1.22 -29.56
N VAL B 203 11.35 0.61 -30.38
CA VAL B 203 10.93 0.37 -31.77
C VAL B 203 9.70 -0.53 -31.85
N ASN B 204 9.33 -1.20 -30.78
CA ASN B 204 8.11 -2.01 -30.76
C ASN B 204 6.90 -1.24 -30.22
N CYS B 205 7.08 0.01 -29.81
CA CYS B 205 5.99 0.76 -29.18
C CYS B 205 4.91 1.06 -30.21
N PRO B 206 3.66 0.66 -29.96
CA PRO B 206 2.59 1.02 -30.89
C PRO B 206 2.09 2.44 -30.71
N GLU B 207 2.38 3.08 -29.57
CA GLU B 207 1.71 4.30 -29.18
C GLU B 207 2.70 5.28 -28.58
N ILE B 208 2.53 6.57 -28.94
CA ILE B 208 3.38 7.66 -28.46
C ILE B 208 2.49 8.77 -27.91
N ALA B 209 2.77 9.23 -26.69
CA ALA B 209 2.05 10.33 -26.08
C ALA B 209 2.96 11.55 -25.99
N VAL B 210 2.40 12.74 -26.21
CA VAL B 210 3.12 13.99 -26.14
C VAL B 210 2.35 14.90 -25.18
N THR B 211 3.06 15.48 -24.21
CA THR B 211 2.44 16.28 -23.15
C THR B 211 2.66 17.77 -23.37
N PHE B 212 1.57 18.54 -23.35
CA PHE B 212 1.62 19.99 -23.46
C PHE B 212 1.00 20.63 -22.22
N ASN B 213 1.34 21.90 -21.96
CA ASN B 213 0.79 22.59 -20.79
C ASN B 213 0.68 24.08 -21.10
N TRP B 214 0.22 24.84 -20.10
CA TRP B 214 -0.06 26.25 -20.29
C TRP B 214 1.05 27.13 -19.75
N SER B 215 2.17 26.53 -19.32
CA SER B 215 3.22 27.28 -18.65
C SER B 215 4.47 27.43 -19.50
N SER B 216 4.49 26.85 -20.69
CA SER B 216 5.70 26.84 -21.50
C SER B 216 5.31 26.62 -22.95
N PRO B 217 6.12 27.08 -23.90
CA PRO B 217 5.83 26.80 -25.30
C PRO B 217 6.29 25.43 -25.76
N GLY B 218 7.04 24.70 -24.94
CA GLY B 218 7.64 23.45 -25.35
C GLY B 218 6.83 22.22 -24.92
N ILE B 219 7.28 21.07 -25.40
CA ILE B 219 6.74 19.80 -24.96
C ILE B 219 7.23 19.50 -23.55
N GLU B 220 6.29 19.17 -22.65
CA GLU B 220 6.66 18.90 -21.26
C GLU B 220 7.39 17.56 -21.12
N ARG B 221 6.90 16.53 -21.80
CA ARG B 221 7.50 15.20 -21.79
C ARG B 221 6.83 14.39 -22.89
N MET B 222 7.42 13.25 -23.19
CA MET B 222 6.76 12.33 -24.10
C MET B 222 6.91 10.92 -23.57
N CYS B 223 6.02 10.02 -24.00
CA CYS B 223 5.97 8.69 -23.41
C CYS B 223 5.73 7.67 -24.51
N PHE B 224 6.35 6.49 -24.38
CA PHE B 224 6.26 5.42 -25.38
C PHE B 224 5.68 4.19 -24.70
N TYR B 225 4.57 3.69 -25.23
CA TYR B 225 3.79 2.65 -24.56
C TYR B 225 3.99 1.31 -25.26
N THR B 226 4.17 0.26 -24.45
CA THR B 226 4.24 -1.11 -24.95
C THR B 226 3.48 -2.01 -23.99
N ALA B 227 2.96 -3.11 -24.51
CA ALA B 227 2.28 -4.08 -23.68
C ALA B 227 3.07 -5.38 -23.66
N PHE B 228 2.81 -6.19 -22.63
CA PHE B 228 3.41 -7.49 -22.43
C PHE B 228 2.32 -8.43 -21.95
N VAL B 229 2.26 -9.63 -22.54
CA VAL B 229 1.12 -10.50 -22.30
C VAL B 229 1.15 -11.16 -20.92
N ASN B 230 2.30 -11.19 -20.24
CA ASN B 230 2.35 -11.82 -18.93
C ASN B 230 3.50 -11.24 -18.13
N ARG B 231 3.67 -11.75 -16.91
CA ARG B 231 4.67 -11.25 -15.97
C ARG B 231 6.09 -11.50 -16.48
N GLU B 232 6.30 -12.65 -17.13
CA GLU B 232 7.65 -13.07 -17.47
C GLU B 232 8.24 -12.19 -18.57
N THR B 233 7.43 -11.77 -19.52
CA THR B 233 7.94 -10.98 -20.63
C THR B 233 8.06 -9.48 -20.31
N VAL B 234 7.59 -9.03 -19.16
CA VAL B 234 7.98 -7.66 -18.76
C VAL B 234 9.49 -7.61 -18.64
N PRO B 235 10.16 -6.60 -19.21
CA PRO B 235 11.61 -6.48 -19.04
C PRO B 235 11.98 -6.16 -17.61
N GLN B 236 11.86 -7.15 -16.72
CA GLN B 236 12.04 -6.91 -15.28
C GLN B 236 13.45 -6.45 -14.95
N HIS B 237 14.43 -6.85 -15.76
CA HIS B 237 15.83 -6.53 -15.48
C HIS B 237 16.16 -5.06 -15.67
N ILE B 238 15.25 -4.27 -16.27
CA ILE B 238 15.58 -2.88 -16.54
C ILE B 238 15.40 -1.99 -15.30
N ASN B 239 14.47 -2.31 -14.41
CA ASN B 239 14.25 -1.41 -13.30
C ASN B 239 13.61 -2.15 -12.14
N PRO B 240 14.00 -1.88 -10.89
CA PRO B 240 13.44 -2.65 -9.78
C PRO B 240 11.92 -2.56 -9.68
N VAL B 241 11.33 -1.41 -10.05
CA VAL B 241 9.88 -1.29 -9.95
C VAL B 241 9.19 -2.22 -10.93
N LEU B 242 9.74 -2.34 -12.14
CA LEU B 242 9.17 -3.27 -13.12
C LEU B 242 9.21 -4.70 -12.59
N LYS B 243 10.37 -5.13 -12.09
CA LYS B 243 10.48 -6.48 -11.53
C LYS B 243 9.47 -6.69 -10.41
N LYS B 244 9.47 -5.80 -9.41
CA LYS B 244 8.61 -6.00 -8.25
C LYS B 244 7.14 -6.03 -8.66
N PHE B 245 6.69 -5.02 -9.44
CA PHE B 245 5.29 -4.98 -9.83
C PHE B 245 4.91 -6.16 -10.72
N ALA B 246 5.76 -6.51 -11.68
CA ALA B 246 5.44 -7.63 -12.55
C ALA B 246 5.26 -8.92 -11.73
N GLN B 247 6.08 -9.12 -10.71
CA GLN B 247 5.95 -10.35 -9.93
C GLN B 247 4.86 -10.28 -8.88
N GLU B 248 4.53 -9.08 -8.39
CA GLU B 248 3.68 -8.88 -7.22
C GLU B 248 2.28 -8.37 -7.53
N ALA B 249 2.05 -7.79 -8.71
CA ALA B 249 0.81 -7.04 -8.93
C ALA B 249 -0.39 -7.97 -8.83
N PRO B 250 -1.46 -7.56 -8.17
CA PRO B 250 -2.67 -8.37 -8.12
C PRO B 250 -3.48 -8.25 -9.40
N ALA B 251 -4.30 -9.27 -9.62
CA ALA B 251 -5.19 -9.33 -10.76
C ALA B 251 -6.17 -10.46 -10.49
N LEU B 252 -7.34 -10.38 -11.14
CA LEU B 252 -8.28 -11.48 -11.04
C LEU B 252 -7.77 -12.73 -11.74
N LEU B 253 -6.91 -12.56 -12.75
CA LEU B 253 -6.25 -13.69 -13.39
C LEU B 253 -4.99 -14.09 -12.62
N ASP B 254 -4.52 -15.31 -12.90
CA ASP B 254 -3.30 -15.81 -12.25
C ASP B 254 -2.06 -15.12 -12.81
N ASN B 255 -1.91 -15.11 -14.13
CA ASN B 255 -0.78 -14.48 -14.82
C ASN B 255 -1.32 -13.39 -15.74
N PRO B 256 -1.43 -12.16 -15.26
CA PRO B 256 -2.02 -11.08 -16.07
C PRO B 256 -0.99 -10.43 -16.98
N GLY B 257 -1.53 -9.64 -17.94
CA GLY B 257 -0.70 -8.79 -18.78
C GLY B 257 -0.44 -7.42 -18.17
N PHE B 258 0.43 -6.65 -18.82
CA PHE B 258 0.88 -5.35 -18.30
C PHE B 258 1.06 -4.36 -19.44
N LEU B 259 0.88 -3.08 -19.10
CA LEU B 259 1.25 -1.98 -19.99
C LEU B 259 2.37 -1.17 -19.34
N VAL B 260 3.45 -0.97 -20.10
CA VAL B 260 4.61 -0.22 -19.62
C VAL B 260 4.74 1.04 -20.46
N GLY B 261 4.93 2.16 -19.78
CA GLY B 261 5.17 3.44 -20.42
C GLY B 261 6.55 3.93 -20.05
N TRP B 262 7.29 4.37 -21.07
CA TRP B 262 8.63 4.93 -20.90
C TRP B 262 8.53 6.43 -21.15
N SER B 263 8.66 7.22 -20.08
CA SER B 263 8.56 8.66 -20.19
C SER B 263 9.94 9.28 -20.24
N PHE B 264 10.06 10.36 -21.02
CA PHE B 264 11.30 11.10 -21.17
C PHE B 264 10.99 12.60 -21.15
N GLY B 265 11.85 13.34 -20.48
CA GLY B 265 11.74 14.78 -20.40
C GLY B 265 13.10 15.40 -20.21
N PRO B 266 13.16 16.65 -19.74
CA PRO B 266 14.46 17.28 -19.46
C PRO B 266 14.95 16.94 -18.06
N ASP B 267 15.91 17.70 -17.54
CA ASP B 267 16.37 17.49 -16.17
C ASP B 267 17.09 18.70 -15.60
N LYS B 269 12.97 19.21 -15.51
CA LYS B 269 12.17 18.54 -14.49
C LYS B 269 12.60 17.09 -14.36
N LYS B 270 11.80 16.30 -13.64
CA LYS B 270 12.01 14.85 -13.54
C LYS B 270 10.98 14.13 -14.42
N GLY B 271 11.11 14.31 -15.74
CA GLY B 271 10.20 13.77 -16.71
C GLY B 271 10.59 12.44 -17.32
N THR B 272 11.72 11.87 -16.89
CA THR B 272 12.23 10.59 -17.37
C THR B 272 11.99 9.54 -16.30
N TYR B 273 11.16 8.53 -16.62
CA TYR B 273 10.78 7.54 -15.62
C TYR B 273 9.95 6.46 -16.27
N ILE B 274 9.54 5.50 -15.47
CA ILE B 274 8.83 4.33 -15.96
C ILE B 274 7.45 4.31 -15.31
N LYS B 275 6.48 3.77 -16.04
CA LYS B 275 5.13 3.54 -15.55
C LYS B 275 4.74 2.12 -15.90
N ILE B 276 4.08 1.43 -14.99
CA ILE B 276 3.60 0.09 -15.32
C ILE B 276 2.23 -0.15 -14.69
N ASP B 277 1.32 -0.73 -15.50
CA ASP B 277 -0.07 -0.98 -15.14
C ASP B 277 -0.35 -2.48 -15.29
N VAL B 278 -1.10 -3.03 -14.36
CA VAL B 278 -1.53 -4.42 -14.45
C VAL B 278 -2.96 -4.47 -14.99
N ASP B 279 -3.16 -5.34 -15.97
CA ASP B 279 -4.46 -5.58 -16.61
C ASP B 279 -5.32 -6.40 -15.65
N TYR B 280 -6.00 -5.70 -14.74
CA TYR B 280 -6.64 -6.34 -13.59
C TYR B 280 -7.68 -7.39 -14.00
N HIS B 281 -8.52 -7.10 -14.99
CA HIS B 281 -9.55 -8.03 -15.44
C HIS B 281 -9.16 -8.84 -16.68
N GLY B 282 -8.03 -8.54 -17.31
CA GLY B 282 -7.66 -9.16 -18.57
C GLY B 282 -8.22 -8.49 -19.82
N LEU B 283 -8.90 -7.35 -19.68
CA LEU B 283 -9.50 -6.67 -20.83
C LEU B 283 -8.58 -5.65 -21.48
N VAL B 284 -7.62 -5.10 -20.74
CA VAL B 284 -6.93 -3.91 -21.19
C VAL B 284 -5.97 -4.24 -22.33
N VAL B 285 -5.20 -5.31 -22.20
CA VAL B 285 -4.16 -5.60 -23.20
C VAL B 285 -4.79 -5.95 -24.55
N PRO B 286 -5.81 -6.82 -24.63
CA PRO B 286 -6.47 -7.04 -25.92
C PRO B 286 -7.01 -5.76 -26.53
N SER B 287 -7.58 -4.87 -25.71
CA SER B 287 -8.07 -3.59 -26.20
C SER B 287 -6.93 -2.75 -26.77
N PHE B 288 -5.78 -2.76 -26.08
CA PHE B 288 -4.59 -2.05 -26.56
C PHE B 288 -4.20 -2.52 -27.96
N PHE B 289 -3.94 -3.82 -28.11
CA PHE B 289 -3.55 -4.34 -29.42
C PHE B 289 -4.62 -4.06 -30.47
N HIS B 290 -5.90 -4.09 -30.06
CA HIS B 290 -7.00 -3.93 -31.00
C HIS B 290 -7.11 -2.48 -31.50
N MET B 291 -6.91 -1.50 -30.62
CA MET B 291 -6.94 -0.11 -31.05
C MET B 291 -5.78 0.23 -31.97
N HIS B 292 -4.69 -0.53 -31.93
CA HIS B 292 -3.53 -0.28 -32.78
C HIS B 292 -3.41 -1.29 -33.92
N ASN B 293 -4.47 -2.06 -34.18
CA ASN B 293 -4.58 -2.93 -35.36
C ASN B 293 -3.43 -3.94 -35.44
N LEU B 294 -3.08 -4.55 -34.31
CA LEU B 294 -2.00 -5.56 -34.29
C LEU B 294 -2.51 -6.96 -33.97
#